data_5MZA
#
_entry.id   5MZA
#
_cell.length_a   68.639
_cell.length_b   109.830
_cell.length_c   112.830
_cell.angle_alpha   90.00
_cell.angle_beta   90.00
_cell.angle_gamma   90.00
#
_symmetry.space_group_name_H-M   'P 21 21 21'
#
loop_
_entity.id
_entity.type
_entity.pdbx_description
1 polymer 'Erythrocyte membrane protein 1 (PfEMP1)'
2 polymer 'Intercellular adhesion molecule 1'
3 branched 2-acetamido-2-deoxy-beta-D-glucopyranose-(1-4)-2-acetamido-2-deoxy-beta-D-glucopyranose
4 non-polymer TRIPHOSPHATE
5 non-polymer 2-acetamido-2-deoxy-beta-D-glucopyranose
6 non-polymer 'INOSITOL HEXAKISPHOSPHATE'
7 water water
#
loop_
_entity_poly.entity_id
_entity_poly.type
_entity_poly.pdbx_seq_one_letter_code
_entity_poly.pdbx_strand_id
1 'polypeptide(L)'
;SNPCAKPHGKKLATVKQIAQYYKRKAYIQLNERGSRSALKGDASQGQYDRGGKADDFKTKLCEINEKHSNARSNSLNPCN
GKDNNKVRFNVGTPWQSGEKIATATDVYLPPRRQHFCTSNLEYLINGGHQAILNVKNGKINHSFLGDVLLAAKYQAQHTM
KDYKSKNDKEGICRAIRYSFADIGDIIKGTDLWDKDGGEIKTQNHLVTIFDKIKAQLPKDIKGKYTGTKHLELRKDWWEA
NRDQVWKAMQCGNDNPCSGESDHTPLHDYIPQRLRWMTEWAEWYCKEQSRLYDKLKVCEECMRKGESCTKGSGECATCKE
ACEEYNKEIKKWEQQWDAISYKYLMLYAKARITAINGGPGYYNTEVQEEDKPVVDFLYNLYLQNGGKKGPPPDTHRVKAL
IARVKRDAARNRVKRADGSSATRVTATTTITPYSTAAGYIHQEAHIGDCQKQTQFCKNKNGSDVSDTEADPTYAFRDKPH
DHDTACKC
;
A
2 'polypeptide(L)'
;QTSVSPSKVILPRGGSVLVTCSTSCDQPKLLGIETPLPKKELLLPGNNRKVYELSNVQEDSQPMCYSNCPDGQSTAKTFL
TVYWTPERVELAPLPSWQPVGKNLTLRCQVEGGAPRANLTVVLLRGEKELKREPAVGEPAEVTTTVLVRRDHHGANFSCR
TELDLRPQGLELFENTSAPYQLQTFG
;
B
#
# COMPACT_ATOMS: atom_id res chain seq x y z
N SER A 1 -4.34 -22.54 -15.85
CA SER A 1 -5.07 -21.85 -14.78
C SER A 1 -4.29 -21.82 -13.47
N ASN A 2 -4.72 -20.94 -12.52
CA ASN A 2 -4.08 -20.77 -11.21
C ASN A 2 -4.25 -22.01 -10.32
N PRO A 3 -3.14 -22.66 -9.90
CA PRO A 3 -3.27 -23.86 -9.07
C PRO A 3 -3.50 -23.61 -7.57
N CYS A 4 -3.67 -22.33 -7.17
CA CYS A 4 -3.86 -21.93 -5.78
C CYS A 4 -5.09 -21.05 -5.56
N ALA A 5 -5.95 -20.99 -6.57
CA ALA A 5 -7.20 -20.24 -6.56
C ALA A 5 -8.36 -21.20 -6.70
N LYS A 6 -9.44 -20.96 -5.93
CA LYS A 6 -10.67 -21.76 -5.96
C LYS A 6 -11.37 -21.57 -7.33
N PRO A 7 -12.09 -22.59 -7.86
CA PRO A 7 -12.74 -22.42 -9.19
C PRO A 7 -13.49 -21.10 -9.32
N HIS A 8 -13.14 -20.32 -10.35
CA HIS A 8 -13.73 -19.00 -10.59
C HIS A 8 -13.92 -18.71 -12.09
N GLY A 9 -14.96 -17.93 -12.38
CA GLY A 9 -15.28 -17.47 -13.73
C GLY A 9 -15.26 -15.96 -13.85
N LYS A 10 -14.56 -15.31 -12.90
CA LYS A 10 -14.41 -13.86 -12.83
C LYS A 10 -13.43 -13.35 -13.87
N LYS A 11 -13.69 -12.14 -14.40
CA LYS A 11 -12.82 -11.48 -15.37
C LYS A 11 -11.60 -10.97 -14.61
N LEU A 12 -10.44 -11.62 -14.87
CA LEU A 12 -9.17 -11.34 -14.20
C LEU A 12 -8.61 -9.96 -14.52
N ALA A 13 -8.04 -9.31 -13.49
CA ALA A 13 -7.37 -8.02 -13.54
C ALA A 13 -5.99 -8.26 -12.93
N THR A 14 -4.92 -8.13 -13.75
CA THR A 14 -3.54 -8.38 -13.31
C THR A 14 -2.98 -7.20 -12.51
N VAL A 15 -1.89 -7.43 -11.74
CA VAL A 15 -1.21 -6.42 -10.91
C VAL A 15 -0.70 -5.26 -11.78
N LYS A 16 -0.23 -5.58 -13.00
CA LYS A 16 0.23 -4.61 -14.00
C LYS A 16 -0.90 -3.67 -14.44
N GLN A 17 -2.14 -4.21 -14.52
CA GLN A 17 -3.34 -3.45 -14.86
C GLN A 17 -3.68 -2.46 -13.75
N ILE A 18 -3.39 -2.83 -12.49
CA ILE A 18 -3.61 -1.95 -11.33
C ILE A 18 -2.47 -0.91 -11.30
N ALA A 19 -1.23 -1.33 -11.63
CA ALA A 19 -0.06 -0.45 -11.71
C ALA A 19 -0.27 0.63 -12.77
N GLN A 20 -0.99 0.30 -13.87
CA GLN A 20 -1.33 1.25 -14.93
C GLN A 20 -2.40 2.23 -14.41
N TYR A 21 -3.35 1.73 -13.60
CA TYR A 21 -4.38 2.56 -12.96
C TYR A 21 -3.67 3.59 -12.06
N TYR A 22 -2.65 3.15 -11.31
CA TYR A 22 -1.83 4.02 -10.47
C TYR A 22 -0.92 4.93 -11.29
N LYS A 23 -0.49 4.50 -12.50
CA LYS A 23 0.34 5.28 -13.42
C LYS A 23 -0.48 6.47 -13.94
N ARG A 24 -1.75 6.22 -14.30
CA ARG A 24 -2.70 7.20 -14.78
C ARG A 24 -2.99 8.23 -13.68
N LYS A 25 -3.23 7.75 -12.44
CA LYS A 25 -3.49 8.61 -11.29
C LYS A 25 -2.29 9.50 -10.91
N ALA A 26 -1.06 9.01 -11.15
CA ALA A 26 0.19 9.74 -10.86
C ALA A 26 0.40 10.93 -11.79
N TYR A 27 0.15 10.75 -13.12
CA TYR A 27 0.33 11.86 -14.05
C TYR A 27 -0.85 12.83 -14.03
N ILE A 28 -2.06 12.37 -13.62
CA ILE A 28 -3.24 13.23 -13.46
C ILE A 28 -2.95 14.23 -12.33
N GLN A 29 -2.39 13.73 -11.21
CA GLN A 29 -2.01 14.51 -10.03
C GLN A 29 -0.95 15.59 -10.34
N LEU A 30 0.15 15.19 -11.03
CA LEU A 30 1.26 16.06 -11.40
C LEU A 30 0.83 17.19 -12.35
N ASN A 31 -0.03 16.87 -13.33
CA ASN A 31 -0.53 17.83 -14.30
C ASN A 31 -1.54 18.80 -13.67
N GLU A 32 -2.34 18.30 -12.72
CA GLU A 32 -3.33 19.11 -12.01
C GLU A 32 -2.68 20.09 -11.04
N ARG A 33 -1.52 19.73 -10.48
CA ARG A 33 -0.77 20.59 -9.57
C ARG A 33 0.12 21.57 -10.35
N GLY A 34 0.36 21.28 -11.64
CA GLY A 34 1.16 22.08 -12.57
C GLY A 34 2.60 22.28 -12.14
N SER A 35 3.15 21.28 -11.42
CA SER A 35 4.50 21.31 -10.88
C SER A 35 5.57 20.61 -11.76
N ARG A 36 5.18 19.92 -12.85
CA ARG A 36 6.09 19.19 -13.75
C ARG A 36 7.29 20.03 -14.23
N SER A 37 7.06 21.23 -14.79
CA SER A 37 8.12 22.11 -15.29
C SER A 37 9.11 22.50 -14.19
N ALA A 38 8.60 22.70 -12.96
CA ALA A 38 9.37 23.08 -11.79
C ALA A 38 10.08 21.90 -11.13
N LEU A 39 9.53 20.67 -11.26
CA LEU A 39 10.09 19.46 -10.64
C LEU A 39 11.00 18.66 -11.55
N LYS A 40 10.77 18.70 -12.88
CA LYS A 40 11.60 18.01 -13.85
C LYS A 40 12.95 18.73 -13.94
N GLY A 41 13.99 18.03 -13.51
CA GLY A 41 15.34 18.56 -13.53
C GLY A 41 16.06 18.27 -14.83
N ASP A 42 17.15 18.99 -15.05
CA ASP A 42 18.04 18.86 -16.20
C ASP A 42 19.43 18.85 -15.60
N ALA A 43 19.99 17.65 -15.40
CA ALA A 43 21.30 17.45 -14.78
C ALA A 43 22.46 18.18 -15.49
N SER A 44 22.30 18.53 -16.77
CA SER A 44 23.32 19.31 -17.50
C SER A 44 23.40 20.76 -16.97
N GLN A 45 22.34 21.21 -16.26
CA GLN A 45 22.21 22.54 -15.66
C GLN A 45 22.62 22.56 -14.18
N GLY A 46 23.19 21.46 -13.69
CA GLY A 46 23.63 21.34 -12.30
C GLY A 46 25.09 21.69 -12.09
N GLN A 47 25.54 21.62 -10.82
CA GLN A 47 26.92 21.87 -10.38
C GLN A 47 27.44 20.60 -9.71
N TYR A 48 28.67 20.14 -10.04
CA TYR A 48 29.20 18.89 -9.49
C TYR A 48 30.61 19.05 -8.91
N ASP A 49 30.67 19.15 -7.57
CA ASP A 49 31.87 19.35 -6.74
C ASP A 49 32.93 18.25 -6.88
N ARG A 50 32.57 17.07 -7.43
CA ARG A 50 33.54 15.98 -7.60
C ARG A 50 34.41 16.11 -8.87
N GLY A 51 34.12 17.09 -9.73
CA GLY A 51 34.93 17.39 -10.90
C GLY A 51 34.33 17.17 -12.27
N GLY A 52 33.31 16.31 -12.36
CA GLY A 52 32.63 15.97 -13.59
C GLY A 52 31.97 17.16 -14.27
N LYS A 53 32.10 17.23 -15.61
CA LYS A 53 31.51 18.29 -16.42
C LYS A 53 30.01 18.09 -16.51
N ALA A 54 29.24 19.12 -16.11
CA ALA A 54 27.77 19.12 -16.09
C ALA A 54 27.16 18.70 -17.42
N ASP A 55 27.66 19.28 -18.54
CA ASP A 55 27.21 19.04 -19.92
C ASP A 55 27.16 17.56 -20.32
N ASP A 56 28.00 16.69 -19.72
CA ASP A 56 28.06 15.26 -19.99
C ASP A 56 26.70 14.57 -19.90
N PHE A 57 25.84 15.02 -18.97
CA PHE A 57 24.47 14.50 -18.78
C PHE A 57 23.57 14.71 -20.01
N LYS A 58 23.90 15.69 -20.87
CA LYS A 58 23.17 16.00 -22.10
C LYS A 58 23.85 15.34 -23.30
N THR A 59 25.14 15.60 -23.49
CA THR A 59 25.98 15.13 -24.60
C THR A 59 26.25 13.63 -24.56
N LYS A 60 26.72 13.09 -23.42
CA LYS A 60 27.10 11.68 -23.27
C LYS A 60 26.69 11.14 -21.90
N LEU A 61 25.38 10.96 -21.69
CA LEU A 61 24.78 10.49 -20.43
C LEU A 61 25.36 9.15 -19.94
N CYS A 62 25.64 8.22 -20.86
CA CYS A 62 26.14 6.89 -20.49
C CYS A 62 27.63 6.88 -20.14
N GLU A 63 28.31 8.03 -20.28
CA GLU A 63 29.73 8.22 -19.99
C GLU A 63 30.00 8.83 -18.60
N ILE A 64 28.93 9.25 -17.88
CA ILE A 64 29.02 9.85 -16.54
C ILE A 64 29.62 8.87 -15.54
N ASN A 65 30.33 9.40 -14.54
CA ASN A 65 31.00 8.57 -13.53
C ASN A 65 30.96 9.25 -12.16
N GLU A 66 31.71 8.71 -11.19
CA GLU A 66 31.83 9.19 -9.80
C GLU A 66 32.16 10.70 -9.69
N LYS A 67 32.78 11.30 -10.72
CA LYS A 67 33.12 12.73 -10.75
C LYS A 67 31.89 13.63 -10.95
N HIS A 68 30.83 13.11 -11.62
CA HIS A 68 29.57 13.83 -11.88
C HIS A 68 28.67 13.68 -10.65
N SER A 69 29.14 14.23 -9.51
CA SER A 69 28.48 14.09 -8.22
C SER A 69 28.84 15.21 -7.23
N ASN A 70 28.04 15.31 -6.15
CA ASN A 70 28.20 16.24 -5.02
C ASN A 70 28.37 15.46 -3.70
N ALA A 71 28.66 14.16 -3.82
CA ALA A 71 28.90 13.28 -2.67
C ALA A 71 30.29 13.52 -2.12
N ARG A 72 30.48 13.30 -0.82
CA ARG A 72 31.78 13.44 -0.17
C ARG A 72 32.75 12.47 -0.82
N SER A 73 34.00 12.92 -1.03
CA SER A 73 35.06 12.16 -1.70
C SER A 73 35.34 10.77 -1.12
N ASN A 74 35.05 10.54 0.18
CA ASN A 74 35.24 9.22 0.80
C ASN A 74 34.30 8.15 0.18
N SER A 75 33.16 8.60 -0.39
CA SER A 75 32.23 7.76 -1.14
C SER A 75 32.82 7.76 -2.55
N LEU A 76 33.76 6.82 -2.79
CA LEU A 76 34.53 6.70 -4.03
C LEU A 76 33.65 6.60 -5.28
N ASN A 77 32.59 5.77 -5.24
CA ASN A 77 31.62 5.62 -6.32
C ASN A 77 30.30 5.09 -5.75
N PRO A 78 29.12 5.19 -6.44
CA PRO A 78 27.87 4.69 -5.84
C PRO A 78 27.89 3.25 -5.33
N CYS A 79 28.68 2.36 -5.93
CA CYS A 79 28.77 0.95 -5.52
C CYS A 79 29.86 0.66 -4.47
N ASN A 80 30.52 1.72 -3.93
CA ASN A 80 31.62 1.55 -2.98
C ASN A 80 31.24 0.88 -1.67
N GLY A 81 31.91 -0.25 -1.40
CA GLY A 81 31.70 -1.08 -0.24
C GLY A 81 30.41 -1.87 -0.26
N LYS A 82 29.79 -2.01 -1.46
CA LYS A 82 28.54 -2.73 -1.62
C LYS A 82 28.81 -4.08 -2.26
N ASP A 83 28.49 -5.17 -1.53
CA ASP A 83 28.63 -6.57 -1.96
C ASP A 83 30.07 -6.93 -2.37
N ASN A 84 31.00 -6.89 -1.40
CA ASN A 84 32.42 -7.20 -1.63
C ASN A 84 32.61 -8.70 -1.89
N ASN A 85 31.93 -9.54 -1.07
CA ASN A 85 31.94 -11.00 -1.15
C ASN A 85 31.15 -11.56 -2.35
N LYS A 86 30.36 -10.68 -3.02
CA LYS A 86 29.52 -10.96 -4.20
C LYS A 86 28.47 -12.05 -3.94
N VAL A 87 27.59 -11.81 -2.94
CA VAL A 87 26.54 -12.76 -2.53
C VAL A 87 25.16 -12.41 -3.14
N ARG A 88 24.87 -11.12 -3.46
CA ARG A 88 23.61 -10.60 -4.02
C ARG A 88 22.81 -11.56 -4.90
N PHE A 89 23.47 -12.09 -5.96
CA PHE A 89 22.84 -12.95 -6.94
C PHE A 89 23.21 -14.44 -6.80
N ASN A 90 23.80 -14.81 -5.64
CA ASN A 90 24.12 -16.20 -5.33
C ASN A 90 22.79 -16.87 -4.98
N VAL A 91 22.56 -18.06 -5.53
CA VAL A 91 21.31 -18.82 -5.45
C VAL A 91 20.75 -18.98 -3.99
N GLY A 92 21.57 -19.37 -3.03
CA GLY A 92 21.07 -19.60 -1.67
C GLY A 92 21.16 -18.49 -0.63
N THR A 93 21.46 -17.24 -1.04
CA THR A 93 21.63 -16.10 -0.12
C THR A 93 20.38 -15.85 0.75
N PRO A 94 20.52 -15.94 2.10
CA PRO A 94 19.35 -15.75 2.98
C PRO A 94 18.84 -14.32 3.00
N TRP A 95 17.52 -14.18 3.14
CA TRP A 95 16.87 -12.88 3.19
C TRP A 95 16.70 -12.48 4.65
N GLN A 96 17.35 -11.37 5.05
CA GLN A 96 17.29 -10.82 6.39
C GLN A 96 15.92 -10.22 6.68
N SER A 97 15.52 -10.18 7.97
CA SER A 97 14.24 -9.65 8.42
C SER A 97 14.25 -9.27 9.92
N GLY A 98 13.10 -8.82 10.41
CA GLY A 98 12.92 -8.46 11.82
C GLY A 98 12.94 -6.98 12.10
N GLU A 99 12.99 -6.62 13.41
CA GLU A 99 13.01 -5.25 13.89
C GLU A 99 14.29 -4.50 13.49
N LYS A 100 15.38 -5.25 13.21
CA LYS A 100 16.66 -4.70 12.79
C LYS A 100 16.68 -4.27 11.31
N ILE A 101 15.65 -4.67 10.55
CA ILE A 101 15.54 -4.39 9.11
C ILE A 101 14.45 -3.35 8.82
N ALA A 102 13.20 -3.61 9.24
CA ALA A 102 12.06 -2.73 8.95
C ALA A 102 11.10 -2.49 10.12
N THR A 103 10.40 -1.34 10.07
CA THR A 103 9.36 -0.94 11.03
C THR A 103 8.13 -1.79 10.72
N ALA A 104 7.83 -1.94 9.41
CA ALA A 104 6.74 -2.77 8.91
C ALA A 104 7.07 -4.24 9.21
N THR A 105 6.13 -4.95 9.82
CA THR A 105 6.29 -6.34 10.22
C THR A 105 6.27 -7.29 9.02
N ASP A 106 6.95 -8.44 9.16
CA ASP A 106 7.05 -9.55 8.19
C ASP A 106 7.60 -9.12 6.82
N VAL A 107 8.58 -8.21 6.86
CA VAL A 107 9.28 -7.69 5.69
C VAL A 107 10.59 -8.47 5.55
N TYR A 108 10.84 -9.02 4.35
CA TYR A 108 12.05 -9.78 4.06
C TYR A 108 12.87 -9.01 3.04
N LEU A 109 14.10 -8.64 3.41
CA LEU A 109 14.98 -7.80 2.61
C LEU A 109 15.71 -8.53 1.47
N PRO A 110 15.49 -8.11 0.21
CA PRO A 110 16.20 -8.75 -0.91
C PRO A 110 17.69 -8.44 -0.85
N PRO A 111 18.59 -9.44 -1.04
CA PRO A 111 20.04 -9.14 -1.01
C PRO A 111 20.43 -8.09 -2.05
N ARG A 112 19.71 -8.07 -3.20
CA ARG A 112 19.88 -7.09 -4.28
C ARG A 112 19.64 -5.67 -3.72
N ARG A 113 18.63 -5.52 -2.83
CA ARG A 113 18.31 -4.26 -2.16
C ARG A 113 19.32 -3.95 -1.04
N GLN A 114 19.77 -4.99 -0.29
CA GLN A 114 20.74 -4.84 0.80
C GLN A 114 22.06 -4.21 0.30
N HIS A 115 22.56 -4.68 -0.86
CA HIS A 115 23.79 -4.20 -1.47
C HIS A 115 23.45 -3.38 -2.73
N PHE A 116 22.91 -2.19 -2.49
CA PHE A 116 22.42 -1.23 -3.48
C PHE A 116 23.39 -0.07 -3.67
N CYS A 117 23.62 0.36 -4.92
CA CYS A 117 24.54 1.44 -5.28
C CYS A 117 23.96 2.84 -5.04
N THR A 118 23.76 3.21 -3.77
CA THR A 118 23.23 4.52 -3.38
C THR A 118 24.19 5.27 -2.45
N SER A 119 25.48 4.87 -2.44
CA SER A 119 26.53 5.46 -1.57
C SER A 119 26.68 6.97 -1.75
N ASN A 120 26.55 7.47 -2.98
CA ASN A 120 26.64 8.90 -3.27
C ASN A 120 25.53 9.67 -2.55
N LEU A 121 24.30 9.12 -2.57
CA LEU A 121 23.12 9.69 -1.91
C LEU A 121 23.30 9.71 -0.39
N GLU A 122 23.97 8.68 0.16
CA GLU A 122 24.26 8.53 1.59
C GLU A 122 25.27 9.59 2.05
N TYR A 123 26.25 9.92 1.18
CA TYR A 123 27.32 10.87 1.52
C TYR A 123 27.17 12.24 0.86
N LEU A 124 25.93 12.67 0.60
CA LEU A 124 25.65 14.01 0.07
C LEU A 124 25.81 15.05 1.19
N ILE A 125 25.47 14.66 2.44
CA ILE A 125 25.60 15.46 3.68
C ILE A 125 26.33 14.58 4.71
N ASN A 126 27.65 14.83 4.91
CA ASN A 126 28.49 14.05 5.83
C ASN A 126 29.64 14.89 6.36
N GLY A 127 29.78 14.88 7.69
CA GLY A 127 30.81 15.57 8.47
C GLY A 127 31.34 16.88 7.95
N GLY A 128 30.44 17.86 7.81
CA GLY A 128 30.77 19.18 7.32
C GLY A 128 30.48 19.39 5.85
N HIS A 129 30.72 18.35 5.02
CA HIS A 129 30.48 18.41 3.57
C HIS A 129 28.98 18.37 3.27
N GLN A 130 28.52 19.35 2.48
CA GLN A 130 27.13 19.53 2.06
C GLN A 130 27.09 20.37 0.77
N ALA A 131 27.95 20.00 -0.20
CA ALA A 131 28.11 20.64 -1.50
C ALA A 131 26.79 20.87 -2.24
N ILE A 132 25.88 19.88 -2.19
CA ILE A 132 24.54 19.93 -2.80
C ILE A 132 23.71 21.12 -2.26
N LEU A 133 23.89 21.50 -0.98
CA LEU A 133 23.17 22.60 -0.33
C LEU A 133 23.81 23.96 -0.59
N ASN A 134 25.12 23.98 -0.97
CA ASN A 134 25.89 25.20 -1.24
C ASN A 134 25.93 25.61 -2.74
N VAL A 135 25.15 24.93 -3.62
CA VAL A 135 25.11 25.26 -5.05
C VAL A 135 24.35 26.57 -5.31
N LYS A 136 24.67 27.27 -6.42
CA LYS A 136 24.03 28.53 -6.83
C LYS A 136 22.51 28.38 -6.95
N ASN A 137 21.75 29.43 -6.58
CA ASN A 137 20.28 29.44 -6.60
C ASN A 137 19.71 28.98 -7.95
N GLY A 138 18.77 28.05 -7.88
CA GLY A 138 18.11 27.47 -9.04
C GLY A 138 18.82 26.28 -9.66
N LYS A 139 19.78 25.68 -8.93
CA LYS A 139 20.56 24.53 -9.43
C LYS A 139 20.50 23.30 -8.51
N ILE A 140 19.89 23.41 -7.31
CA ILE A 140 19.76 22.30 -6.36
C ILE A 140 19.01 21.11 -6.97
N ASN A 141 17.88 21.38 -7.65
CA ASN A 141 17.06 20.37 -8.29
C ASN A 141 17.85 19.67 -9.41
N HIS A 142 18.49 20.45 -10.29
CA HIS A 142 19.29 19.98 -11.42
C HIS A 142 20.47 19.13 -10.96
N SER A 143 21.17 19.58 -9.89
CA SER A 143 22.31 18.87 -9.29
C SER A 143 21.88 17.59 -8.59
N PHE A 144 20.67 17.60 -7.98
CA PHE A 144 20.14 16.43 -7.29
C PHE A 144 19.83 15.29 -8.27
N LEU A 145 19.22 15.62 -9.44
CA LEU A 145 18.90 14.64 -10.48
C LEU A 145 20.18 13.96 -10.98
N GLY A 146 21.28 14.71 -11.06
CA GLY A 146 22.59 14.20 -11.47
C GLY A 146 23.05 13.01 -10.64
N ASP A 147 23.01 13.16 -9.30
CA ASP A 147 23.37 12.09 -8.35
C ASP A 147 22.40 10.91 -8.39
N VAL A 148 21.09 11.18 -8.64
CA VAL A 148 20.04 10.17 -8.78
C VAL A 148 20.28 9.34 -10.06
N LEU A 149 20.66 10.02 -11.17
CA LEU A 149 20.95 9.35 -12.45
C LEU A 149 22.24 8.51 -12.33
N LEU A 150 23.23 9.04 -11.59
CA LEU A 150 24.50 8.36 -11.34
C LEU A 150 24.28 7.10 -10.50
N ALA A 151 23.47 7.20 -9.43
CA ALA A 151 23.15 6.06 -8.57
C ALA A 151 22.40 4.97 -9.35
N ALA A 152 21.51 5.40 -10.26
CA ALA A 152 20.71 4.52 -11.13
C ALA A 152 21.56 3.78 -12.16
N LYS A 153 22.45 4.52 -12.87
CA LYS A 153 23.37 3.97 -13.88
C LYS A 153 24.29 2.93 -13.25
N TYR A 154 24.95 3.27 -12.14
CA TYR A 154 25.86 2.40 -11.40
C TYR A 154 25.16 1.15 -10.84
N GLN A 155 23.88 1.28 -10.40
CA GLN A 155 23.11 0.17 -9.87
C GLN A 155 22.80 -0.84 -10.98
N ALA A 156 22.38 -0.34 -12.15
CA ALA A 156 22.09 -1.17 -13.32
C ALA A 156 23.35 -1.84 -13.85
N GLN A 157 24.47 -1.10 -13.93
CA GLN A 157 25.73 -1.63 -14.44
C GLN A 157 26.36 -2.66 -13.50
N HIS A 158 26.17 -2.51 -12.18
CA HIS A 158 26.63 -3.45 -11.15
C HIS A 158 25.88 -4.77 -11.31
N THR A 159 24.58 -4.69 -11.71
CA THR A 159 23.68 -5.83 -11.96
C THR A 159 24.16 -6.59 -13.20
N MET A 160 24.44 -5.88 -14.31
CA MET A 160 24.91 -6.45 -15.57
C MET A 160 26.26 -7.17 -15.37
N LYS A 161 27.10 -6.65 -14.47
CA LYS A 161 28.42 -7.20 -14.17
C LYS A 161 28.44 -8.43 -13.28
N ASP A 162 27.56 -8.47 -12.26
CA ASP A 162 27.57 -9.59 -11.29
C ASP A 162 26.36 -10.54 -11.31
N TYR A 163 25.43 -10.42 -12.28
CA TYR A 163 24.26 -11.32 -12.35
C TYR A 163 24.63 -12.77 -12.65
N LYS A 164 23.95 -13.72 -11.95
CA LYS A 164 24.15 -15.16 -12.12
C LYS A 164 23.65 -15.57 -13.51
N SER A 165 24.60 -15.98 -14.37
CA SER A 165 24.46 -16.33 -15.79
C SER A 165 24.12 -15.08 -16.60
N LYS A 166 25.13 -14.57 -17.34
CA LYS A 166 25.05 -13.38 -18.18
C LYS A 166 24.11 -13.60 -19.38
N ASN A 167 23.90 -14.87 -19.79
CA ASN A 167 23.03 -15.26 -20.90
C ASN A 167 21.54 -15.07 -20.56
N ASP A 168 21.18 -15.03 -19.25
CA ASP A 168 19.81 -14.82 -18.76
C ASP A 168 19.46 -13.32 -18.89
N LYS A 169 19.16 -12.89 -20.13
CA LYS A 169 18.81 -11.51 -20.51
C LYS A 169 17.57 -11.02 -19.79
N GLU A 170 16.55 -11.91 -19.63
CA GLU A 170 15.31 -11.59 -18.93
C GLU A 170 15.53 -11.41 -17.42
N GLY A 171 16.42 -12.23 -16.86
CA GLY A 171 16.78 -12.19 -15.44
C GLY A 171 17.47 -10.92 -15.01
N ILE A 172 18.36 -10.37 -15.87
CA ILE A 172 19.08 -9.11 -15.64
C ILE A 172 18.07 -7.96 -15.61
N CYS A 173 17.17 -7.93 -16.61
CA CYS A 173 16.11 -6.94 -16.76
C CYS A 173 15.11 -6.95 -15.61
N ARG A 174 14.79 -8.16 -15.11
CA ARG A 174 13.90 -8.38 -13.97
C ARG A 174 14.48 -7.66 -12.75
N ALA A 175 15.80 -7.84 -12.50
CA ALA A 175 16.56 -7.22 -11.42
C ALA A 175 16.74 -5.73 -11.64
N ILE A 176 16.91 -5.27 -12.91
CA ILE A 176 17.03 -3.83 -13.24
C ILE A 176 15.69 -3.13 -13.01
N ARG A 177 14.56 -3.79 -13.33
CA ARG A 177 13.22 -3.26 -13.08
C ARG A 177 12.97 -3.13 -11.59
N TYR A 178 13.38 -4.15 -10.80
CA TYR A 178 13.25 -4.15 -9.33
C TYR A 178 14.09 -3.04 -8.73
N SER A 179 15.32 -2.85 -9.26
CA SER A 179 16.24 -1.80 -8.80
C SER A 179 15.66 -0.41 -9.07
N PHE A 180 15.10 -0.18 -10.29
CA PHE A 180 14.47 1.07 -10.69
C PHE A 180 13.38 1.47 -9.70
N ALA A 181 12.45 0.53 -9.43
CA ALA A 181 11.34 0.71 -8.51
C ALA A 181 11.85 0.99 -7.09
N ASP A 182 12.90 0.26 -6.64
CA ASP A 182 13.53 0.43 -5.33
C ASP A 182 14.17 1.81 -5.20
N ILE A 183 14.73 2.36 -6.31
CA ILE A 183 15.32 3.70 -6.34
C ILE A 183 14.18 4.68 -6.07
N GLY A 184 13.06 4.48 -6.77
CA GLY A 184 11.84 5.27 -6.66
C GLY A 184 11.33 5.37 -5.24
N ASP A 185 11.23 4.22 -4.53
CA ASP A 185 10.77 4.17 -3.15
C ASP A 185 11.73 4.88 -2.21
N ILE A 186 13.06 4.85 -2.50
CA ILE A 186 14.09 5.55 -1.71
C ILE A 186 13.87 7.06 -1.85
N ILE A 187 13.71 7.54 -3.10
CA ILE A 187 13.47 8.94 -3.44
C ILE A 187 12.13 9.43 -2.89
N LYS A 188 11.06 8.61 -3.00
CA LYS A 188 9.70 8.93 -2.53
C LYS A 188 9.55 8.88 -1.00
N GLY A 189 10.50 8.25 -0.32
CA GLY A 189 10.48 8.09 1.13
C GLY A 189 9.62 6.94 1.63
N THR A 190 9.27 6.00 0.71
CA THR A 190 8.42 4.84 1.02
C THR A 190 9.21 3.52 1.11
N ASP A 191 10.56 3.60 1.13
CA ASP A 191 11.40 2.41 1.24
C ASP A 191 11.25 1.78 2.61
N LEU A 192 11.08 0.45 2.64
CA LEU A 192 10.82 -0.32 3.86
C LEU A 192 12.06 -0.55 4.73
N TRP A 193 13.27 -0.66 4.12
CA TRP A 193 14.53 -0.84 4.87
C TRP A 193 14.93 0.49 5.54
N ASP A 194 14.23 0.82 6.64
CA ASP A 194 14.35 2.08 7.38
C ASP A 194 15.03 1.95 8.75
N LYS A 195 15.57 0.77 9.08
CA LYS A 195 16.22 0.55 10.37
C LYS A 195 17.75 0.60 10.27
N ASP A 196 18.28 0.50 9.04
CA ASP A 196 19.71 0.58 8.73
C ASP A 196 20.14 2.05 8.86
N GLY A 197 21.19 2.28 9.66
CA GLY A 197 21.76 3.60 9.95
C GLY A 197 22.10 4.41 8.73
N GLY A 198 22.78 3.79 7.76
CA GLY A 198 23.15 4.41 6.50
C GLY A 198 21.94 4.84 5.70
N GLU A 199 20.89 4.00 5.72
CA GLU A 199 19.61 4.27 5.06
C GLU A 199 18.84 5.37 5.76
N ILE A 200 18.96 5.47 7.11
CA ILE A 200 18.33 6.50 7.93
C ILE A 200 18.95 7.86 7.53
N LYS A 201 20.30 7.93 7.46
CA LYS A 201 21.08 9.10 7.05
C LYS A 201 20.70 9.53 5.63
N THR A 202 20.58 8.57 4.68
CA THR A 202 20.17 8.82 3.29
C THR A 202 18.81 9.55 3.26
N GLN A 203 17.84 9.06 4.04
CA GLN A 203 16.50 9.66 4.12
C GLN A 203 16.51 11.05 4.79
N ASN A 204 17.35 11.24 5.83
CA ASN A 204 17.49 12.52 6.52
C ASN A 204 18.01 13.59 5.55
N HIS A 205 18.96 13.20 4.67
CA HIS A 205 19.54 14.07 3.64
C HIS A 205 18.50 14.42 2.59
N LEU A 206 17.69 13.43 2.17
CA LEU A 206 16.64 13.60 1.17
C LEU A 206 15.63 14.67 1.62
N VAL A 207 15.28 14.69 2.92
CA VAL A 207 14.37 15.68 3.51
C VAL A 207 15.02 17.08 3.46
N THR A 208 16.30 17.19 3.91
CA THR A 208 17.08 18.43 3.91
C THR A 208 17.20 19.00 2.48
N ILE A 209 17.49 18.13 1.49
CA ILE A 209 17.60 18.50 0.08
C ILE A 209 16.23 18.95 -0.45
N PHE A 210 15.14 18.26 -0.05
CA PHE A 210 13.80 18.64 -0.49
C PHE A 210 13.26 19.89 0.25
N ASP A 211 13.89 20.29 1.38
CA ASP A 211 13.54 21.51 2.10
C ASP A 211 13.90 22.69 1.19
N LYS A 212 15.11 22.61 0.56
CA LYS A 212 15.63 23.61 -0.36
C LYS A 212 14.92 23.61 -1.71
N ILE A 213 14.58 22.41 -2.27
CA ILE A 213 13.87 22.27 -3.56
C ILE A 213 12.50 22.96 -3.46
N LYS A 214 11.78 22.71 -2.34
CA LYS A 214 10.46 23.28 -2.04
C LYS A 214 10.56 24.80 -1.88
N ALA A 215 11.63 25.29 -1.22
CA ALA A 215 11.88 26.72 -0.98
C ALA A 215 12.09 27.50 -2.29
N GLN A 216 12.67 26.83 -3.31
CA GLN A 216 12.96 27.39 -4.63
C GLN A 216 11.82 27.18 -5.64
N LEU A 217 10.66 26.67 -5.17
CA LEU A 217 9.48 26.47 -6.03
C LEU A 217 8.67 27.77 -6.12
N PRO A 218 7.91 28.02 -7.21
CA PRO A 218 7.08 29.25 -7.27
C PRO A 218 6.00 29.24 -6.19
N LYS A 219 5.58 30.46 -5.75
CA LYS A 219 4.57 30.73 -4.72
C LYS A 219 3.29 29.89 -4.86
N ASP A 220 2.71 29.83 -6.08
CA ASP A 220 1.49 29.08 -6.39
C ASP A 220 1.65 27.56 -6.29
N ILE A 221 2.86 27.06 -6.63
CA ILE A 221 3.24 25.64 -6.63
C ILE A 221 3.61 25.15 -5.20
N LYS A 222 4.42 25.95 -4.47
CA LYS A 222 4.90 25.69 -3.10
C LYS A 222 3.76 25.38 -2.12
N GLY A 223 2.64 26.10 -2.25
CA GLY A 223 1.45 25.96 -1.41
C GLY A 223 0.71 24.64 -1.54
N LYS A 224 0.84 23.97 -2.71
CA LYS A 224 0.19 22.69 -2.99
C LYS A 224 0.86 21.50 -2.28
N TYR A 225 1.99 21.75 -1.56
CA TYR A 225 2.73 20.71 -0.84
C TYR A 225 2.85 20.97 0.66
N THR A 226 2.42 19.99 1.45
CA THR A 226 2.40 19.99 2.92
C THR A 226 2.93 18.64 3.42
N GLY A 227 3.74 18.68 4.46
CA GLY A 227 4.36 17.51 5.07
C GLY A 227 5.81 17.76 5.40
N THR A 228 6.24 17.32 6.60
CA THR A 228 7.60 17.50 7.11
C THR A 228 8.65 16.74 6.26
N LYS A 229 8.32 15.49 5.86
CA LYS A 229 9.18 14.63 5.06
C LYS A 229 9.04 14.84 3.53
N HIS A 230 8.15 15.77 3.11
CA HIS A 230 7.85 16.15 1.71
C HIS A 230 7.42 14.94 0.86
N LEU A 231 6.64 14.03 1.45
CA LEU A 231 6.21 12.80 0.78
C LEU A 231 5.41 13.04 -0.52
N GLU A 232 4.47 14.01 -0.52
CA GLU A 232 3.71 14.34 -1.73
C GLU A 232 4.59 14.99 -2.81
N LEU A 233 5.53 15.87 -2.40
CA LEU A 233 6.49 16.54 -3.28
C LEU A 233 7.45 15.53 -3.90
N ARG A 234 7.99 14.60 -3.09
CA ARG A 234 8.89 13.53 -3.53
C ARG A 234 8.20 12.53 -4.47
N LYS A 235 6.88 12.30 -4.27
CA LYS A 235 6.04 11.45 -5.12
C LYS A 235 5.97 12.09 -6.51
N ASP A 236 5.68 13.42 -6.55
CA ASP A 236 5.57 14.19 -7.78
C ASP A 236 6.90 14.46 -8.46
N TRP A 237 8.01 14.52 -7.68
CA TRP A 237 9.36 14.72 -8.23
C TRP A 237 9.72 13.47 -9.02
N TRP A 238 9.46 12.28 -8.44
CA TRP A 238 9.70 10.99 -9.06
C TRP A 238 8.95 10.88 -10.38
N GLU A 239 7.62 11.15 -10.40
CA GLU A 239 6.79 11.12 -11.61
C GLU A 239 7.36 12.03 -12.72
N ALA A 240 7.89 13.20 -12.32
CA ALA A 240 8.46 14.18 -13.22
C ALA A 240 9.86 13.81 -13.73
N ASN A 241 10.58 12.89 -13.04
CA ASN A 241 11.95 12.52 -13.41
C ASN A 241 12.22 11.02 -13.70
N ARG A 242 11.26 10.12 -13.42
CA ARG A 242 11.36 8.67 -13.57
C ARG A 242 11.73 8.17 -14.98
N ASP A 243 11.34 8.92 -16.04
CA ASP A 243 11.66 8.56 -17.42
C ASP A 243 13.17 8.67 -17.69
N GLN A 244 13.80 9.76 -17.17
CA GLN A 244 15.24 10.03 -17.28
C GLN A 244 16.03 8.97 -16.49
N VAL A 245 15.56 8.65 -15.26
CA VAL A 245 16.14 7.66 -14.36
C VAL A 245 16.17 6.29 -15.05
N TRP A 246 15.08 5.90 -15.74
CA TRP A 246 14.99 4.63 -16.46
C TRP A 246 15.95 4.54 -17.63
N LYS A 247 16.09 5.63 -18.42
CA LYS A 247 17.01 5.68 -19.56
C LYS A 247 18.47 5.55 -19.12
N ALA A 248 18.79 6.13 -17.95
CA ALA A 248 20.14 6.07 -17.36
C ALA A 248 20.50 4.64 -16.97
N MET A 249 19.48 3.79 -16.71
CA MET A 249 19.64 2.39 -16.33
C MET A 249 19.83 1.44 -17.52
N GLN A 250 19.77 1.98 -18.75
CA GLN A 250 19.95 1.21 -19.99
C GLN A 250 21.39 1.34 -20.50
N CYS A 251 22.14 2.28 -19.91
CA CYS A 251 23.53 2.60 -20.23
C CYS A 251 24.47 1.41 -20.10
N GLY A 252 25.22 1.15 -21.16
CA GLY A 252 26.20 0.07 -21.22
C GLY A 252 25.61 -1.32 -21.45
N ASN A 253 24.29 -1.39 -21.67
CA ASN A 253 23.61 -2.67 -21.89
C ASN A 253 23.50 -2.95 -23.38
N ASP A 254 24.08 -4.08 -23.81
CA ASP A 254 24.03 -4.54 -25.20
C ASP A 254 22.61 -5.01 -25.52
N ASN A 255 21.89 -5.48 -24.47
CA ASN A 255 20.51 -5.93 -24.55
C ASN A 255 19.63 -5.03 -23.65
N PRO A 256 19.22 -3.83 -24.15
CA PRO A 256 18.41 -2.92 -23.33
C PRO A 256 17.05 -3.49 -22.93
N CYS A 257 16.61 -3.15 -21.70
CA CYS A 257 15.35 -3.61 -21.12
C CYS A 257 14.17 -2.81 -21.58
N SER A 258 13.09 -3.50 -21.96
CA SER A 258 11.85 -2.90 -22.43
C SER A 258 11.02 -2.33 -21.28
N GLY A 259 10.22 -1.31 -21.60
CA GLY A 259 9.27 -0.68 -20.69
C GLY A 259 7.87 -0.99 -21.18
N GLU A 260 7.09 -1.74 -20.36
CA GLU A 260 5.75 -2.18 -20.71
C GLU A 260 4.72 -1.04 -20.82
N SER A 261 5.00 0.14 -20.26
CA SER A 261 4.11 1.29 -20.38
C SER A 261 4.88 2.57 -20.64
N ASP A 262 4.61 3.22 -21.78
CA ASP A 262 5.23 4.47 -22.23
C ASP A 262 6.78 4.39 -22.20
N HIS A 263 7.32 3.18 -22.54
CA HIS A 263 8.74 2.82 -22.62
C HIS A 263 9.46 2.87 -21.27
N THR A 264 8.69 2.74 -20.18
CA THR A 264 9.15 2.74 -18.80
C THR A 264 8.48 1.56 -18.04
N PRO A 265 9.04 1.02 -16.93
CA PRO A 265 8.35 -0.07 -16.23
C PRO A 265 7.11 0.39 -15.47
N LEU A 266 6.29 -0.57 -15.00
CA LEU A 266 5.11 -0.30 -14.20
C LEU A 266 5.38 -0.65 -12.72
N HIS A 267 6.48 -1.40 -12.47
CA HIS A 267 6.93 -1.89 -11.17
C HIS A 267 6.96 -0.82 -10.09
N ASP A 268 7.39 0.41 -10.45
CA ASP A 268 7.46 1.54 -9.51
C ASP A 268 6.07 2.08 -9.09
N TYR A 269 4.98 1.39 -9.53
CA TYR A 269 3.60 1.70 -9.16
C TYR A 269 3.01 0.58 -8.32
N ILE A 270 3.71 -0.56 -8.23
CA ILE A 270 3.34 -1.70 -7.38
C ILE A 270 3.99 -1.40 -6.01
N PRO A 271 3.29 -1.46 -4.86
CA PRO A 271 3.97 -1.18 -3.59
C PRO A 271 5.11 -2.15 -3.31
N GLN A 272 6.18 -1.65 -2.69
CA GLN A 272 7.41 -2.37 -2.39
C GLN A 272 7.22 -3.75 -1.74
N ARG A 273 6.31 -3.88 -0.74
CA ARG A 273 6.08 -5.15 -0.06
C ARG A 273 5.70 -6.28 -1.02
N LEU A 274 4.81 -5.96 -1.99
CA LEU A 274 4.31 -6.91 -2.98
C LEU A 274 5.42 -7.30 -3.97
N ARG A 275 6.24 -6.31 -4.37
CA ARG A 275 7.37 -6.48 -5.28
C ARG A 275 8.41 -7.41 -4.67
N TRP A 276 8.77 -7.16 -3.40
CA TRP A 276 9.74 -7.93 -2.62
C TRP A 276 9.26 -9.35 -2.36
N MET A 277 7.93 -9.53 -2.21
CA MET A 277 7.29 -10.83 -2.01
C MET A 277 7.43 -11.67 -3.30
N THR A 278 7.27 -11.01 -4.46
CA THR A 278 7.39 -11.60 -5.80
C THR A 278 8.84 -12.08 -6.01
N GLU A 279 9.82 -11.20 -5.75
CA GLU A 279 11.25 -11.47 -5.86
C GLU A 279 11.66 -12.65 -4.94
N TRP A 280 11.07 -12.72 -3.72
CA TRP A 280 11.32 -13.77 -2.74
C TRP A 280 11.00 -15.15 -3.30
N ALA A 281 9.81 -15.31 -3.92
CA ALA A 281 9.34 -16.55 -4.51
C ALA A 281 10.23 -17.00 -5.66
N GLU A 282 10.73 -16.04 -6.46
CA GLU A 282 11.60 -16.25 -7.61
C GLU A 282 12.99 -16.75 -7.18
N TRP A 283 13.54 -16.16 -6.09
CA TRP A 283 14.86 -16.53 -5.59
C TRP A 283 14.82 -17.76 -4.67
N TYR A 284 13.61 -18.15 -4.22
CA TYR A 284 13.43 -19.39 -3.45
C TYR A 284 13.48 -20.54 -4.47
N CYS A 285 12.77 -20.38 -5.62
CA CYS A 285 12.70 -21.36 -6.69
C CYS A 285 14.06 -21.71 -7.29
N LYS A 286 15.02 -20.76 -7.22
CA LYS A 286 16.39 -20.96 -7.67
C LYS A 286 17.10 -21.89 -6.67
N GLU A 287 16.90 -21.63 -5.35
CA GLU A 287 17.45 -22.41 -4.23
C GLU A 287 16.85 -23.82 -4.21
N GLN A 288 15.52 -23.93 -4.42
CA GLN A 288 14.79 -25.20 -4.49
C GLN A 288 15.37 -26.04 -5.63
N SER A 289 15.69 -25.41 -6.78
CA SER A 289 16.28 -26.09 -7.95
C SER A 289 17.69 -26.58 -7.63
N ARG A 290 18.51 -25.73 -6.95
CA ARG A 290 19.88 -26.04 -6.54
C ARG A 290 19.88 -27.25 -5.61
N LEU A 291 18.96 -27.25 -4.61
CA LEU A 291 18.79 -28.32 -3.64
C LEU A 291 18.28 -29.60 -4.29
N TYR A 292 17.38 -29.49 -5.30
CA TYR A 292 16.84 -30.64 -6.05
C TYR A 292 17.96 -31.29 -6.89
N ASP A 293 18.87 -30.46 -7.46
CA ASP A 293 20.01 -30.90 -8.27
C ASP A 293 21.02 -31.73 -7.47
N LYS A 294 21.06 -31.54 -6.14
CA LYS A 294 21.92 -32.26 -5.21
C LYS A 294 21.40 -33.69 -4.98
N LEU A 295 20.13 -33.95 -5.35
CA LEU A 295 19.49 -35.26 -5.25
C LEU A 295 19.72 -36.12 -6.52
N LYS A 296 20.60 -35.65 -7.44
CA LYS A 296 20.94 -36.38 -8.67
C LYS A 296 21.80 -37.59 -8.33
N VAL A 297 22.56 -37.52 -7.21
CA VAL A 297 23.38 -38.60 -6.67
C VAL A 297 22.46 -39.78 -6.24
N CYS A 298 21.19 -39.44 -5.98
CA CYS A 298 20.10 -40.35 -5.59
C CYS A 298 19.35 -40.83 -6.85
N GLU A 299 20.10 -41.38 -7.84
CA GLU A 299 19.55 -41.91 -9.09
C GLU A 299 18.83 -43.24 -8.87
N GLU A 300 19.25 -44.00 -7.84
CA GLU A 300 18.70 -45.30 -7.46
C GLU A 300 17.34 -45.13 -6.76
N SER A 312 18.37 -50.50 2.92
CA SER A 312 19.56 -49.66 2.97
C SER A 312 20.59 -50.09 1.89
N GLY A 313 21.85 -49.67 2.06
CA GLY A 313 22.94 -49.98 1.14
C GLY A 313 23.93 -48.84 0.99
N GLU A 314 24.30 -48.52 -0.27
CA GLU A 314 25.24 -47.44 -0.59
C GLU A 314 24.50 -46.12 -0.95
N CYS A 315 23.22 -46.03 -0.55
CA CYS A 315 22.36 -44.85 -0.76
C CYS A 315 22.52 -43.85 0.40
N ALA A 316 23.71 -43.86 1.05
CA ALA A 316 24.06 -42.97 2.16
C ALA A 316 24.18 -41.52 1.67
N THR A 317 24.70 -41.35 0.43
CA THR A 317 24.87 -40.07 -0.25
C THR A 317 23.51 -39.43 -0.58
N CYS A 318 22.45 -40.26 -0.68
CA CYS A 318 21.08 -39.84 -0.94
C CYS A 318 20.40 -39.41 0.37
N LYS A 319 20.59 -40.20 1.46
CA LYS A 319 20.02 -39.93 2.79
C LYS A 319 20.42 -38.55 3.32
N GLU A 320 21.70 -38.16 3.12
CA GLU A 320 22.24 -36.86 3.52
C GLU A 320 21.77 -35.74 2.58
N ALA A 321 21.41 -36.09 1.32
CA ALA A 321 20.92 -35.14 0.33
C ALA A 321 19.44 -34.85 0.53
N CYS A 322 18.66 -35.87 0.96
CA CYS A 322 17.23 -35.77 1.24
C CYS A 322 16.97 -34.93 2.50
N GLU A 323 17.85 -35.06 3.50
CA GLU A 323 17.72 -34.32 4.76
C GLU A 323 18.25 -32.88 4.66
N GLU A 324 19.23 -32.63 3.77
CA GLU A 324 19.78 -31.30 3.52
C GLU A 324 18.70 -30.48 2.81
N TYR A 325 17.95 -31.13 1.90
CA TYR A 325 16.82 -30.56 1.18
C TYR A 325 15.76 -30.18 2.21
N ASN A 326 15.40 -31.12 3.11
CA ASN A 326 14.39 -30.92 4.16
C ASN A 326 14.70 -29.74 5.09
N LYS A 327 15.90 -29.72 5.71
CA LYS A 327 16.31 -28.66 6.64
C LYS A 327 16.36 -27.26 6.00
N GLU A 328 16.82 -27.19 4.74
CA GLU A 328 16.92 -25.92 4.03
C GLU A 328 15.58 -25.39 3.54
N ILE A 329 14.72 -26.27 2.96
CA ILE A 329 13.39 -25.89 2.46
C ILE A 329 12.52 -25.33 3.60
N LYS A 330 12.58 -25.97 4.79
CA LYS A 330 11.83 -25.55 5.98
C LYS A 330 12.28 -24.18 6.48
N LYS A 331 13.54 -23.80 6.22
CA LYS A 331 14.12 -22.50 6.59
C LYS A 331 13.40 -21.40 5.80
N TRP A 332 13.11 -21.67 4.51
CA TRP A 332 12.40 -20.76 3.59
C TRP A 332 10.90 -20.77 3.84
N GLU A 333 10.31 -21.96 4.14
CA GLU A 333 8.88 -22.11 4.42
C GLU A 333 8.46 -21.19 5.57
N GLN A 334 9.30 -21.10 6.63
CA GLN A 334 9.08 -20.24 7.79
C GLN A 334 8.97 -18.77 7.37
N GLN A 335 9.73 -18.35 6.35
CA GLN A 335 9.69 -16.99 5.81
C GLN A 335 8.42 -16.82 5.00
N TRP A 336 8.08 -17.84 4.18
CA TRP A 336 6.89 -17.85 3.33
C TRP A 336 5.60 -17.75 4.14
N ASP A 337 5.54 -18.46 5.28
CA ASP A 337 4.39 -18.46 6.18
C ASP A 337 4.13 -17.06 6.71
N ALA A 338 5.18 -16.35 7.17
CA ALA A 338 5.10 -14.98 7.67
C ALA A 338 4.65 -14.02 6.56
N ILE A 339 5.09 -14.27 5.31
CA ILE A 339 4.73 -13.50 4.13
C ILE A 339 3.24 -13.71 3.79
N SER A 340 2.80 -15.00 3.78
CA SER A 340 1.41 -15.43 3.51
C SER A 340 0.40 -14.85 4.49
N TYR A 341 0.66 -15.06 5.80
CA TYR A 341 -0.21 -14.62 6.88
C TYR A 341 -0.29 -13.09 7.02
N LYS A 342 0.75 -12.36 6.57
CA LYS A 342 0.72 -10.89 6.58
C LYS A 342 -0.16 -10.43 5.41
N TYR A 343 0.08 -11.00 4.20
CA TYR A 343 -0.68 -10.71 2.99
C TYR A 343 -2.17 -10.98 3.20
N LEU A 344 -2.50 -12.10 3.90
CA LEU A 344 -3.85 -12.54 4.22
C LEU A 344 -4.57 -11.47 5.04
N MET A 345 -3.86 -10.92 6.05
CA MET A 345 -4.36 -9.83 6.90
C MET A 345 -4.58 -8.56 6.09
N LEU A 346 -3.60 -8.19 5.25
CA LEU A 346 -3.67 -6.99 4.42
C LEU A 346 -4.78 -7.05 3.38
N TYR A 347 -5.00 -8.24 2.77
CA TYR A 347 -6.06 -8.44 1.77
C TYR A 347 -7.44 -8.36 2.43
N ALA A 348 -7.57 -8.93 3.65
CA ALA A 348 -8.81 -8.91 4.44
C ALA A 348 -9.19 -7.46 4.75
N LYS A 349 -8.19 -6.64 5.14
CA LYS A 349 -8.34 -5.22 5.46
C LYS A 349 -8.81 -4.45 4.22
N ALA A 350 -8.25 -4.79 3.04
CA ALA A 350 -8.59 -4.19 1.74
C ALA A 350 -10.01 -4.56 1.33
N ARG A 351 -10.38 -5.85 1.47
CA ARG A 351 -11.71 -6.37 1.16
C ARG A 351 -12.76 -5.72 2.06
N ILE A 352 -12.47 -5.57 3.37
CA ILE A 352 -13.38 -4.94 4.34
C ILE A 352 -13.59 -3.47 3.97
N THR A 353 -12.52 -2.76 3.57
CA THR A 353 -12.59 -1.35 3.11
C THR A 353 -13.60 -1.24 1.96
N ALA A 354 -13.53 -2.17 0.98
CA ALA A 354 -14.42 -2.25 -0.18
C ALA A 354 -15.87 -2.54 0.19
N ILE A 355 -16.10 -3.47 1.14
CA ILE A 355 -17.42 -3.84 1.67
C ILE A 355 -18.05 -2.59 2.33
N ASN A 356 -17.21 -1.80 3.02
CA ASN A 356 -17.65 -0.61 3.74
C ASN A 356 -17.86 0.63 2.85
N GLY A 357 -17.38 0.59 1.61
CA GLY A 357 -17.55 1.68 0.65
C GLY A 357 -16.29 2.42 0.26
N GLY A 358 -15.15 1.82 0.54
CA GLY A 358 -13.83 2.36 0.24
C GLY A 358 -13.43 3.53 1.13
N PRO A 359 -12.43 4.33 0.70
CA PRO A 359 -12.04 5.51 1.50
C PRO A 359 -13.18 6.52 1.56
N GLY A 360 -13.18 7.36 2.59
CA GLY A 360 -14.25 8.33 2.82
C GLY A 360 -15.38 7.71 3.62
N TYR A 361 -15.56 6.39 3.50
CA TYR A 361 -16.54 5.58 4.21
C TYR A 361 -15.89 4.77 5.34
N TYR A 362 -14.61 4.38 5.19
CA TYR A 362 -13.92 3.58 6.20
C TYR A 362 -12.40 3.75 6.22
N ASN A 363 -11.86 4.04 7.42
CA ASN A 363 -10.43 4.19 7.67
C ASN A 363 -9.94 2.97 8.45
N THR A 364 -9.25 2.07 7.75
CA THR A 364 -8.73 0.83 8.31
C THR A 364 -7.55 1.07 9.25
N GLU A 365 -7.48 0.26 10.32
CA GLU A 365 -6.38 0.28 11.28
C GLU A 365 -5.27 -0.53 10.64
N VAL A 366 -4.16 0.13 10.30
CA VAL A 366 -2.99 -0.47 9.65
C VAL A 366 -1.75 0.42 9.84
N GLN A 367 -0.54 -0.20 9.81
CA GLN A 367 0.73 0.52 9.92
C GLN A 367 0.82 1.48 8.74
N GLU A 368 1.34 2.71 8.99
CA GLU A 368 1.49 3.76 7.98
C GLU A 368 2.16 3.25 6.70
N GLU A 369 3.11 2.31 6.87
CA GLU A 369 3.90 1.66 5.81
C GLU A 369 3.03 0.80 4.90
N ASP A 370 1.96 0.19 5.44
CA ASP A 370 1.08 -0.71 4.70
C ASP A 370 -0.18 -0.05 4.11
N LYS A 371 -0.34 1.29 4.27
CA LYS A 371 -1.47 2.02 3.69
C LYS A 371 -1.53 1.93 2.14
N PRO A 372 -0.40 2.06 1.37
CA PRO A 372 -0.50 1.89 -0.10
C PRO A 372 -0.73 0.43 -0.50
N VAL A 373 -0.30 -0.53 0.35
CA VAL A 373 -0.47 -1.96 0.10
C VAL A 373 -1.97 -2.31 0.23
N VAL A 374 -2.62 -1.83 1.31
CA VAL A 374 -4.06 -2.02 1.55
C VAL A 374 -4.85 -1.31 0.42
N ASP A 375 -4.38 -0.12 -0.02
CA ASP A 375 -4.99 0.64 -1.12
C ASP A 375 -4.86 -0.09 -2.47
N PHE A 376 -3.67 -0.66 -2.78
CA PHE A 376 -3.43 -1.40 -4.02
C PHE A 376 -4.29 -2.67 -4.07
N LEU A 377 -4.32 -3.44 -2.97
CA LEU A 377 -5.11 -4.67 -2.87
C LEU A 377 -6.62 -4.38 -2.88
N TYR A 378 -7.03 -3.17 -2.46
CA TYR A 378 -8.42 -2.71 -2.45
C TYR A 378 -8.89 -2.57 -3.91
N ASN A 379 -8.10 -1.88 -4.76
CA ASN A 379 -8.40 -1.72 -6.18
C ASN A 379 -8.26 -3.03 -6.95
N LEU A 380 -7.31 -3.89 -6.52
CA LEU A 380 -7.08 -5.22 -7.08
C LEU A 380 -8.32 -6.11 -6.81
N TYR A 381 -8.95 -5.95 -5.63
CA TYR A 381 -10.15 -6.68 -5.24
C TYR A 381 -11.35 -6.23 -6.10
N LEU A 382 -11.57 -4.90 -6.20
CA LEU A 382 -12.67 -4.28 -6.96
C LEU A 382 -12.64 -4.61 -8.45
N GLN A 383 -11.47 -4.51 -9.09
CA GLN A 383 -11.31 -4.77 -10.52
C GLN A 383 -11.40 -6.28 -10.87
N ASN A 384 -11.25 -7.17 -9.87
CA ASN A 384 -11.36 -8.62 -10.06
C ASN A 384 -12.77 -9.18 -9.74
N GLY A 385 -13.74 -8.29 -9.61
CA GLY A 385 -15.13 -8.66 -9.37
C GLY A 385 -15.70 -8.37 -8.00
N GLY A 386 -14.89 -7.78 -7.12
CA GLY A 386 -15.30 -7.43 -5.77
C GLY A 386 -16.36 -6.34 -5.76
N LYS A 387 -17.34 -6.47 -4.84
CA LYS A 387 -18.44 -5.52 -4.72
C LYS A 387 -18.10 -4.31 -3.84
N LYS A 388 -18.10 -3.11 -4.44
CA LYS A 388 -17.83 -1.82 -3.80
C LYS A 388 -19.11 -1.26 -3.15
N GLY A 389 -19.06 0.04 -2.84
CA GLY A 389 -20.17 0.80 -2.26
C GLY A 389 -20.48 0.44 -0.83
N PRO A 390 -20.99 1.43 -0.04
CA PRO A 390 -21.38 1.13 1.34
C PRO A 390 -22.51 0.09 1.39
N PRO A 391 -22.68 -0.66 2.50
CA PRO A 391 -23.77 -1.64 2.57
C PRO A 391 -25.15 -1.00 2.35
N PRO A 392 -26.21 -1.76 1.96
CA PRO A 392 -27.52 -1.13 1.75
C PRO A 392 -28.13 -0.43 2.97
N ASP A 393 -27.71 -0.81 4.19
CA ASP A 393 -28.23 -0.22 5.42
C ASP A 393 -27.63 1.15 5.76
N THR A 394 -26.54 1.56 5.10
CA THR A 394 -25.88 2.85 5.33
C THR A 394 -26.74 4.04 4.85
N HIS A 395 -27.18 3.99 3.57
CA HIS A 395 -28.03 5.01 2.98
C HIS A 395 -29.41 4.39 2.73
N ARG A 396 -30.05 3.95 3.81
CA ARG A 396 -31.37 3.32 3.77
C ARG A 396 -32.43 4.41 3.68
N VAL A 397 -33.43 4.22 2.81
CA VAL A 397 -34.54 5.16 2.62
C VAL A 397 -35.84 4.62 3.18
N LYS A 398 -36.63 5.49 3.86
CA LYS A 398 -37.93 5.13 4.43
C LYS A 398 -38.93 4.94 3.28
N ALA A 399 -39.34 3.67 3.03
CA ALA A 399 -40.30 3.22 2.00
C ALA A 399 -40.06 3.82 0.60
N THR A 431 -11.74 -14.65 -5.48
CA THR A 431 -10.68 -13.96 -6.21
C THR A 431 -9.35 -14.75 -6.13
N PRO A 432 -8.58 -14.88 -7.24
CA PRO A 432 -7.29 -15.59 -7.17
C PRO A 432 -6.23 -14.91 -6.31
N TYR A 433 -6.30 -13.57 -6.14
CA TYR A 433 -5.36 -12.78 -5.32
C TYR A 433 -5.72 -12.75 -3.83
N SER A 434 -6.66 -13.60 -3.37
CA SER A 434 -7.08 -13.63 -1.97
C SER A 434 -6.02 -14.19 -1.01
N THR A 435 -4.98 -14.86 -1.55
CA THR A 435 -3.87 -15.46 -0.81
C THR A 435 -2.55 -15.10 -1.48
N ALA A 436 -1.44 -15.11 -0.70
CA ALA A 436 -0.10 -14.82 -1.23
C ALA A 436 0.32 -15.89 -2.24
N ALA A 437 -0.15 -17.15 -2.05
CA ALA A 437 0.10 -18.28 -2.96
C ALA A 437 -0.57 -18.03 -4.32
N GLY A 438 -1.81 -17.54 -4.29
CA GLY A 438 -2.58 -17.21 -5.49
C GLY A 438 -1.98 -16.07 -6.28
N TYR A 439 -1.48 -15.03 -5.56
CA TYR A 439 -0.80 -13.84 -6.11
C TYR A 439 0.49 -14.25 -6.83
N ILE A 440 1.28 -15.15 -6.21
CA ILE A 440 2.57 -15.64 -6.69
C ILE A 440 2.43 -16.41 -8.00
N HIS A 441 1.43 -17.30 -8.08
CA HIS A 441 1.16 -18.09 -9.28
C HIS A 441 0.67 -17.24 -10.47
N GLN A 442 0.22 -16.00 -10.19
CA GLN A 442 -0.24 -15.02 -11.18
C GLN A 442 0.86 -14.09 -11.66
N GLU A 443 1.78 -13.68 -10.75
CA GLU A 443 2.80 -12.65 -11.03
C GLU A 443 4.27 -13.09 -11.00
N ALA A 444 4.64 -14.05 -10.15
CA ALA A 444 6.04 -14.46 -9.99
C ALA A 444 6.54 -15.47 -11.01
N HIS A 445 7.86 -15.40 -11.31
CA HIS A 445 8.54 -16.34 -12.19
C HIS A 445 8.91 -17.57 -11.34
N ILE A 446 8.15 -18.66 -11.52
CA ILE A 446 8.26 -19.93 -10.80
C ILE A 446 8.89 -21.03 -11.68
N GLY A 447 9.31 -20.67 -12.89
CA GLY A 447 9.92 -21.57 -13.86
C GLY A 447 11.12 -22.37 -13.37
N ASP A 448 11.85 -21.84 -12.37
CA ASP A 448 13.03 -22.48 -11.80
C ASP A 448 12.70 -23.61 -10.82
N CYS A 449 11.48 -23.60 -10.23
CA CYS A 449 11.05 -24.63 -9.28
C CYS A 449 10.88 -25.98 -9.99
N GLN A 450 11.59 -27.01 -9.49
CA GLN A 450 11.57 -28.36 -10.05
C GLN A 450 10.68 -29.28 -9.21
N LYS A 451 9.63 -29.85 -9.87
CA LYS A 451 8.61 -30.77 -9.33
C LYS A 451 7.73 -30.13 -8.25
N GLN A 452 8.33 -29.59 -7.18
CA GLN A 452 7.66 -28.89 -6.08
C GLN A 452 7.47 -27.44 -6.53
N THR A 453 6.28 -27.16 -7.08
CA THR A 453 5.94 -25.87 -7.69
C THR A 453 4.77 -25.12 -7.04
N GLN A 454 3.77 -25.84 -6.50
CA GLN A 454 2.55 -25.27 -5.89
C GLN A 454 2.83 -24.56 -4.56
N PHE A 455 2.65 -23.23 -4.53
CA PHE A 455 2.91 -22.39 -3.35
C PHE A 455 1.85 -22.55 -2.23
N CYS A 456 0.76 -23.29 -2.49
CA CYS A 456 -0.29 -23.57 -1.52
C CYS A 456 -0.29 -25.07 -1.18
N LYS A 457 -0.53 -25.41 0.10
CA LYS A 457 -0.57 -26.80 0.57
C LYS A 457 -1.66 -27.61 -0.13
N ASN A 458 -2.84 -26.99 -0.36
CA ASN A 458 -3.97 -27.62 -1.02
C ASN A 458 -4.37 -26.87 -2.30
N LYS A 459 -4.68 -27.63 -3.37
CA LYS A 459 -5.06 -27.21 -4.72
C LYS A 459 -5.97 -25.95 -4.79
N ASN A 460 -6.90 -25.78 -3.84
CA ASN A 460 -7.78 -24.61 -3.84
C ASN A 460 -7.88 -23.95 -2.47
N GLY A 461 -8.15 -24.74 -1.43
CA GLY A 461 -8.27 -24.28 -0.05
C GLY A 461 -6.96 -24.29 0.71
N GLU A 468 -3.55 -33.47 4.88
CA GLU A 468 -2.20 -33.59 4.32
C GLU A 468 -2.07 -32.81 3.01
N ALA A 469 -0.92 -32.14 2.82
CA ALA A 469 -0.58 -31.32 1.66
C ALA A 469 -0.46 -32.11 0.33
N ASP A 470 -0.59 -31.40 -0.81
CA ASP A 470 -0.50 -31.93 -2.18
C ASP A 470 0.92 -32.40 -2.52
N PRO A 471 1.11 -33.41 -3.40
CA PRO A 471 2.48 -33.86 -3.73
C PRO A 471 3.32 -32.84 -4.51
N THR A 472 2.66 -31.86 -5.16
CA THR A 472 3.32 -30.80 -5.94
C THR A 472 3.64 -29.55 -5.09
N TYR A 473 3.41 -29.61 -3.76
CA TYR A 473 3.65 -28.51 -2.83
C TYR A 473 5.12 -28.08 -2.80
N ALA A 474 5.36 -26.78 -3.05
CA ALA A 474 6.67 -26.13 -3.11
C ALA A 474 7.55 -26.34 -1.89
N PHE A 475 6.96 -26.27 -0.68
CA PHE A 475 7.72 -26.39 0.56
C PHE A 475 7.61 -27.77 1.25
N ARG A 476 7.38 -28.84 0.45
CA ARG A 476 7.27 -30.22 0.93
C ARG A 476 8.63 -30.67 1.46
N ASP A 477 8.64 -31.59 2.45
CA ASP A 477 9.86 -32.12 3.09
C ASP A 477 10.85 -32.71 2.09
N LYS A 478 10.34 -33.38 1.04
CA LYS A 478 11.14 -34.01 -0.02
C LYS A 478 10.36 -33.97 -1.36
N PRO A 479 11.02 -33.97 -2.55
CA PRO A 479 10.25 -33.97 -3.81
C PRO A 479 9.46 -35.26 -4.00
N HIS A 480 8.22 -35.17 -4.54
CA HIS A 480 7.30 -36.31 -4.73
C HIS A 480 7.87 -37.46 -5.58
N ASP A 481 8.77 -37.15 -6.54
CA ASP A 481 9.40 -38.16 -7.39
C ASP A 481 10.54 -38.89 -6.65
N HIS A 482 11.00 -38.32 -5.53
CA HIS A 482 12.06 -38.87 -4.68
C HIS A 482 11.53 -39.52 -3.39
N ASP A 483 10.21 -39.76 -3.29
CA ASP A 483 9.55 -40.40 -2.13
C ASP A 483 10.11 -41.79 -1.82
N THR A 484 10.16 -42.67 -2.85
CA THR A 484 10.71 -44.03 -2.74
C THR A 484 12.25 -43.97 -2.64
N ALA A 485 12.86 -42.99 -3.31
CA ALA A 485 14.31 -42.77 -3.33
C ALA A 485 14.87 -42.39 -1.94
N CYS A 486 14.21 -41.46 -1.22
CA CYS A 486 14.62 -41.00 0.11
C CYS A 486 14.40 -42.05 1.20
N LYS A 487 13.57 -43.08 0.91
CA LYS A 487 13.23 -44.18 1.84
C LYS A 487 13.90 -45.50 1.40
N CYS A 488 15.24 -45.49 1.22
CA CYS A 488 16.00 -46.67 0.80
C CYS A 488 16.43 -47.53 2.00
N GLN B 1 -4.17 -8.23 30.83
CA GLN B 1 -3.95 -9.56 30.26
C GLN B 1 -4.45 -9.65 28.83
N THR B 2 -5.75 -9.33 28.60
CA THR B 2 -6.39 -9.37 27.28
C THR B 2 -6.37 -7.99 26.61
N SER B 3 -5.89 -7.95 25.35
CA SER B 3 -5.81 -6.75 24.52
C SER B 3 -6.71 -6.87 23.27
N VAL B 4 -7.03 -5.72 22.65
CA VAL B 4 -7.89 -5.68 21.45
C VAL B 4 -7.45 -4.55 20.49
N SER B 5 -7.35 -4.88 19.18
CA SER B 5 -6.97 -3.93 18.13
C SER B 5 -7.92 -4.06 16.92
N PRO B 6 -8.68 -2.99 16.56
CA PRO B 6 -8.69 -1.63 17.13
C PRO B 6 -9.52 -1.53 18.41
N SER B 7 -9.20 -0.56 19.27
CA SER B 7 -9.93 -0.34 20.53
C SER B 7 -11.24 0.43 20.30
N LYS B 8 -11.27 1.28 19.25
CA LYS B 8 -12.41 2.10 18.85
C LYS B 8 -12.55 2.07 17.32
N VAL B 9 -13.78 1.84 16.81
CA VAL B 9 -14.04 1.75 15.36
C VAL B 9 -15.26 2.57 14.96
N ILE B 10 -15.14 3.30 13.83
CA ILE B 10 -16.22 4.05 13.20
C ILE B 10 -16.46 3.39 11.82
N LEU B 11 -17.64 2.78 11.64
CA LEU B 11 -17.96 2.05 10.41
C LEU B 11 -19.40 2.29 9.92
N PRO B 12 -19.68 2.14 8.59
CA PRO B 12 -21.06 2.32 8.11
C PRO B 12 -21.95 1.14 8.54
N ARG B 13 -23.28 1.35 8.76
CA ARG B 13 -24.09 0.22 9.23
C ARG B 13 -24.36 -0.81 8.13
N GLY B 14 -24.30 -2.08 8.55
CA GLY B 14 -24.38 -3.25 7.70
C GLY B 14 -22.97 -3.65 7.30
N GLY B 15 -22.00 -2.86 7.76
CA GLY B 15 -20.58 -3.00 7.49
C GLY B 15 -19.85 -4.08 8.25
N SER B 16 -18.58 -4.28 7.90
CA SER B 16 -17.70 -5.26 8.51
C SER B 16 -16.47 -4.62 9.18
N VAL B 17 -15.86 -5.36 10.12
CA VAL B 17 -14.66 -4.94 10.86
C VAL B 17 -13.78 -6.16 11.19
N LEU B 18 -12.46 -5.94 11.19
CA LEU B 18 -11.47 -6.96 11.51
C LEU B 18 -10.98 -6.69 12.93
N VAL B 19 -11.31 -7.60 13.87
CA VAL B 19 -10.94 -7.47 15.28
C VAL B 19 -9.92 -8.55 15.70
N THR B 20 -8.86 -8.14 16.43
CA THR B 20 -7.80 -9.04 16.88
C THR B 20 -7.77 -9.14 18.42
N CYS B 21 -8.19 -10.30 18.94
CA CYS B 21 -8.16 -10.61 20.38
C CYS B 21 -6.79 -11.21 20.65
N SER B 22 -6.06 -10.67 21.64
CA SER B 22 -4.72 -11.13 22.01
C SER B 22 -4.54 -11.21 23.53
N THR B 23 -3.71 -12.15 23.99
CA THR B 23 -3.44 -12.36 25.42
C THR B 23 -1.93 -12.37 25.73
N SER B 24 -1.58 -11.94 26.96
CA SER B 24 -0.22 -11.86 27.49
C SER B 24 0.42 -13.25 27.71
N CYS B 25 -0.41 -14.30 27.89
CA CYS B 25 0.01 -15.69 28.09
C CYS B 25 0.57 -16.27 26.79
N ASP B 26 1.32 -17.37 26.90
CA ASP B 26 1.86 -18.05 25.73
C ASP B 26 0.87 -19.14 25.28
N GLN B 27 0.49 -20.05 26.22
CA GLN B 27 -0.45 -21.15 25.94
C GLN B 27 -1.73 -21.03 26.79
N PRO B 28 -2.72 -20.20 26.38
CA PRO B 28 -3.95 -20.09 27.18
C PRO B 28 -4.93 -21.24 26.92
N LYS B 29 -5.77 -21.56 27.92
CA LYS B 29 -6.77 -22.62 27.84
C LYS B 29 -7.93 -22.21 26.89
N LEU B 30 -8.46 -20.99 27.07
CA LEU B 30 -9.57 -20.46 26.30
C LEU B 30 -9.20 -19.10 25.73
N LEU B 31 -9.67 -18.83 24.51
CA LEU B 31 -9.46 -17.58 23.76
C LEU B 31 -10.55 -17.48 22.70
N GLY B 32 -11.35 -16.43 22.80
CA GLY B 32 -12.47 -16.17 21.89
C GLY B 32 -13.04 -14.78 21.99
N ILE B 33 -14.23 -14.60 21.40
CA ILE B 33 -14.93 -13.32 21.37
C ILE B 33 -16.44 -13.51 21.57
N GLU B 34 -17.03 -12.74 22.51
CA GLU B 34 -18.46 -12.75 22.80
C GLU B 34 -19.12 -11.60 22.03
N THR B 35 -19.93 -11.95 21.02
CA THR B 35 -20.66 -11.02 20.14
C THR B 35 -21.76 -11.74 19.35
N PRO B 36 -22.98 -11.15 19.27
CA PRO B 36 -24.03 -11.78 18.45
C PRO B 36 -23.94 -11.43 16.97
N LEU B 37 -22.83 -10.78 16.54
CA LEU B 37 -22.56 -10.40 15.16
C LEU B 37 -21.97 -11.58 14.38
N PRO B 38 -22.34 -11.79 13.08
CA PRO B 38 -21.74 -12.90 12.31
C PRO B 38 -20.23 -12.77 12.22
N LYS B 39 -19.50 -13.82 12.67
CA LYS B 39 -18.04 -13.83 12.70
C LYS B 39 -17.39 -14.97 11.91
N LYS B 40 -16.27 -14.66 11.24
CA LYS B 40 -15.46 -15.61 10.47
C LYS B 40 -14.04 -15.47 11.01
N GLU B 41 -13.56 -16.50 11.71
CA GLU B 41 -12.22 -16.47 12.30
C GLU B 41 -11.16 -16.72 11.23
N LEU B 42 -10.20 -15.79 11.10
CA LEU B 42 -9.09 -15.90 10.17
C LEU B 42 -8.00 -16.74 10.80
N LEU B 43 -7.73 -17.91 10.22
CA LEU B 43 -6.76 -18.88 10.70
C LEU B 43 -5.32 -18.39 10.61
N LEU B 44 -4.67 -18.24 11.77
CA LEU B 44 -3.30 -17.76 11.91
C LEU B 44 -2.42 -18.71 12.75
N PRO B 45 -1.07 -18.63 12.67
CA PRO B 45 -0.24 -19.56 13.46
C PRO B 45 -0.27 -19.33 14.97
N GLY B 46 -0.53 -18.09 15.38
CA GLY B 46 -0.58 -17.69 16.79
C GLY B 46 -1.62 -18.43 17.62
N ASN B 47 -1.21 -18.91 18.81
CA ASN B 47 -2.07 -19.61 19.75
C ASN B 47 -2.59 -18.67 20.86
N ASN B 48 -2.00 -17.47 20.96
CA ASN B 48 -2.34 -16.42 21.93
C ASN B 48 -2.96 -15.18 21.23
N ARG B 49 -3.24 -15.30 19.93
CA ARG B 49 -3.79 -14.24 19.08
C ARG B 49 -4.84 -14.84 18.13
N LYS B 50 -6.02 -14.20 18.03
CA LYS B 50 -7.10 -14.66 17.15
C LYS B 50 -7.75 -13.50 16.39
N VAL B 51 -7.81 -13.60 15.06
CA VAL B 51 -8.39 -12.58 14.20
C VAL B 51 -9.81 -12.97 13.75
N TYR B 52 -10.77 -12.04 13.90
CA TYR B 52 -12.17 -12.23 13.58
C TYR B 52 -12.69 -11.16 12.62
N GLU B 53 -13.52 -11.58 11.66
CA GLU B 53 -14.17 -10.67 10.73
C GLU B 53 -15.64 -10.60 11.14
N LEU B 54 -16.03 -9.44 11.69
CA LEU B 54 -17.40 -9.21 12.15
C LEU B 54 -18.18 -8.52 11.06
N SER B 55 -19.25 -9.18 10.56
CA SER B 55 -20.07 -8.63 9.48
C SER B 55 -21.45 -8.21 9.96
N ASN B 56 -22.21 -7.52 9.08
CA ASN B 56 -23.58 -7.05 9.30
C ASN B 56 -23.75 -6.26 10.63
N VAL B 57 -22.81 -5.32 10.90
CA VAL B 57 -22.85 -4.48 12.11
C VAL B 57 -23.94 -3.43 11.90
N GLN B 58 -25.16 -3.72 12.41
CA GLN B 58 -26.32 -2.85 12.25
C GLN B 58 -26.40 -1.72 13.28
N GLU B 59 -25.98 -1.99 14.53
CA GLU B 59 -26.02 -1.01 15.61
C GLU B 59 -24.75 -1.04 16.46
N ASP B 60 -24.55 -0.01 17.33
CA ASP B 60 -23.43 0.11 18.25
C ASP B 60 -23.31 -1.15 19.11
N SER B 61 -22.18 -1.84 18.96
CA SER B 61 -21.90 -3.10 19.65
C SER B 61 -20.59 -2.98 20.41
N GLN B 62 -20.40 -3.85 21.42
CA GLN B 62 -19.18 -3.91 22.21
C GLN B 62 -18.67 -5.36 22.22
N PRO B 63 -18.08 -5.86 21.11
CA PRO B 63 -17.57 -7.24 21.10
C PRO B 63 -16.49 -7.44 22.16
N MET B 64 -16.72 -8.41 23.04
CA MET B 64 -15.89 -8.72 24.19
C MET B 64 -14.92 -9.89 23.93
N CYS B 65 -13.61 -9.59 23.81
CA CYS B 65 -12.55 -10.58 23.65
C CYS B 65 -12.33 -11.23 25.03
N TYR B 66 -12.45 -12.57 25.13
CA TYR B 66 -12.26 -13.28 26.39
C TYR B 66 -11.08 -14.25 26.33
N SER B 67 -10.41 -14.47 27.47
CA SER B 67 -9.27 -15.38 27.58
C SER B 67 -9.10 -15.95 28.99
N ASN B 68 -9.16 -17.28 29.11
CA ASN B 68 -8.95 -17.98 30.37
C ASN B 68 -7.47 -18.34 30.43
N CYS B 69 -6.72 -17.61 31.27
CA CYS B 69 -5.28 -17.74 31.44
C CYS B 69 -4.93 -18.40 32.81
N PRO B 70 -3.71 -19.01 32.98
CA PRO B 70 -3.38 -19.60 34.30
C PRO B 70 -3.39 -18.60 35.46
N ASP B 71 -3.08 -17.32 35.18
CA ASP B 71 -3.09 -16.24 36.17
C ASP B 71 -4.52 -15.79 36.50
N GLY B 72 -5.46 -16.04 35.58
CA GLY B 72 -6.88 -15.71 35.74
C GLY B 72 -7.58 -15.31 34.45
N GLN B 73 -8.92 -15.48 34.44
CA GLN B 73 -9.78 -15.13 33.30
C GLN B 73 -9.88 -13.60 33.12
N SER B 74 -9.66 -13.12 31.88
CA SER B 74 -9.66 -11.69 31.55
C SER B 74 -10.46 -11.35 30.30
N THR B 75 -11.01 -10.12 30.25
CA THR B 75 -11.82 -9.61 29.15
C THR B 75 -11.34 -8.26 28.62
N ALA B 76 -11.56 -8.01 27.31
CA ALA B 76 -11.21 -6.76 26.61
C ALA B 76 -12.34 -6.36 25.67
N LYS B 77 -12.63 -5.06 25.56
CA LYS B 77 -13.72 -4.58 24.72
C LYS B 77 -13.31 -3.58 23.66
N THR B 78 -13.93 -3.71 22.47
CA THR B 78 -13.79 -2.78 21.35
C THR B 78 -15.11 -2.03 21.19
N PHE B 79 -15.03 -0.72 20.93
CA PHE B 79 -16.24 0.10 20.83
C PHE B 79 -16.59 0.43 19.39
N LEU B 80 -17.54 -0.34 18.84
CA LEU B 80 -18.02 -0.15 17.48
C LEU B 80 -19.09 0.94 17.47
N THR B 81 -18.81 2.02 16.72
CA THR B 81 -19.71 3.16 16.55
C THR B 81 -20.17 3.10 15.11
N VAL B 82 -21.44 2.77 14.91
CA VAL B 82 -22.06 2.65 13.61
C VAL B 82 -22.60 4.01 13.13
N TYR B 83 -22.61 4.24 11.81
CA TYR B 83 -23.13 5.48 11.23
C TYR B 83 -24.02 5.19 10.02
N TRP B 84 -25.01 6.08 9.80
CA TRP B 84 -26.00 5.98 8.74
C TRP B 84 -26.69 7.32 8.56
N THR B 85 -26.99 7.67 7.30
CA THR B 85 -27.66 8.92 6.93
C THR B 85 -29.16 8.85 7.28
N PRO B 86 -29.88 9.99 7.44
CA PRO B 86 -31.31 9.92 7.78
C PRO B 86 -32.12 9.13 6.75
N GLU B 87 -33.12 8.38 7.24
CA GLU B 87 -33.98 7.58 6.39
C GLU B 87 -35.02 8.42 5.64
N ARG B 88 -35.42 9.58 6.22
CA ARG B 88 -36.40 10.49 5.62
C ARG B 88 -36.10 11.96 5.95
N VAL B 89 -35.84 12.77 4.89
CA VAL B 89 -35.61 14.21 4.97
C VAL B 89 -36.72 14.83 4.12
N GLU B 90 -37.69 15.50 4.78
CA GLU B 90 -38.84 16.05 4.08
C GLU B 90 -39.40 17.31 4.74
N LEU B 91 -39.89 18.24 3.93
CA LEU B 91 -40.56 19.45 4.40
C LEU B 91 -42.04 19.11 4.48
N ALA B 92 -42.71 19.59 5.54
CA ALA B 92 -44.14 19.35 5.76
C ALA B 92 -44.98 19.88 4.59
N PRO B 93 -45.93 19.06 4.05
CA PRO B 93 -46.74 19.53 2.91
C PRO B 93 -47.31 20.94 3.10
N LEU B 94 -46.94 21.85 2.19
CA LEU B 94 -47.36 23.24 2.22
C LEU B 94 -47.87 23.65 0.83
N PRO B 95 -49.03 24.35 0.72
CA PRO B 95 -49.52 24.75 -0.61
C PRO B 95 -48.58 25.77 -1.23
N SER B 96 -48.27 25.61 -2.53
CA SER B 96 -47.37 26.50 -3.29
C SER B 96 -47.82 27.95 -3.29
N TRP B 97 -49.08 28.21 -3.63
CA TRP B 97 -49.60 29.57 -3.69
C TRP B 97 -49.90 30.15 -2.31
N GLN B 98 -49.09 31.15 -1.92
CA GLN B 98 -49.17 31.86 -0.65
C GLN B 98 -49.26 33.38 -0.88
N PRO B 99 -50.09 34.13 -0.11
CA PRO B 99 -50.19 35.56 -0.37
C PRO B 99 -49.08 36.39 0.26
N VAL B 100 -48.77 37.55 -0.35
CA VAL B 100 -47.75 38.50 0.12
C VAL B 100 -48.19 39.07 1.49
N GLY B 101 -47.30 38.97 2.48
CA GLY B 101 -47.54 39.44 3.84
C GLY B 101 -47.75 38.35 4.88
N LYS B 102 -47.99 37.11 4.41
CA LYS B 102 -48.22 35.93 5.25
C LYS B 102 -46.99 35.53 6.05
N ASN B 103 -47.20 35.08 7.30
CA ASN B 103 -46.16 34.58 8.19
C ASN B 103 -46.13 33.08 7.92
N LEU B 104 -45.20 32.65 7.06
CA LEU B 104 -45.09 31.26 6.61
C LEU B 104 -44.14 30.42 7.46
N THR B 105 -44.65 29.32 8.03
CA THR B 105 -43.86 28.40 8.84
C THR B 105 -43.40 27.22 7.99
N LEU B 106 -42.07 27.01 7.93
CA LEU B 106 -41.47 25.90 7.20
C LEU B 106 -41.02 24.87 8.22
N ARG B 107 -41.63 23.67 8.18
CA ARG B 107 -41.33 22.59 9.12
C ARG B 107 -40.66 21.41 8.41
N CYS B 108 -39.48 21.00 8.90
CA CYS B 108 -38.77 19.87 8.34
C CYS B 108 -38.59 18.77 9.36
N GLN B 109 -39.06 17.57 9.02
CA GLN B 109 -38.94 16.38 9.85
C GLN B 109 -37.79 15.54 9.32
N VAL B 110 -36.87 15.14 10.22
CA VAL B 110 -35.71 14.32 9.88
C VAL B 110 -35.77 13.03 10.67
N GLU B 111 -36.05 11.91 9.97
CA GLU B 111 -36.16 10.58 10.57
C GLU B 111 -34.83 9.84 10.58
N GLY B 112 -34.27 9.66 11.76
CA GLY B 112 -33.01 8.96 11.96
C GLY B 112 -31.76 9.78 11.71
N GLY B 113 -30.69 9.10 11.32
CA GLY B 113 -29.38 9.69 11.07
C GLY B 113 -28.54 9.64 12.34
N ALA B 114 -27.40 8.94 12.29
CA ALA B 114 -26.52 8.78 13.45
C ALA B 114 -25.03 8.72 13.03
N PRO B 115 -24.05 9.11 13.90
CA PRO B 115 -24.19 9.66 15.27
C PRO B 115 -24.84 11.05 15.24
N ARG B 116 -25.85 11.26 16.10
CA ARG B 116 -26.59 12.52 16.18
C ARG B 116 -25.74 13.74 16.55
N ALA B 117 -24.66 13.54 17.33
CA ALA B 117 -23.73 14.60 17.75
C ALA B 117 -22.99 15.23 16.55
N ASN B 118 -22.97 14.51 15.40
CA ASN B 118 -22.33 14.92 14.16
C ASN B 118 -23.34 15.23 13.04
N LEU B 119 -24.64 15.09 13.36
CA LEU B 119 -25.73 15.37 12.42
C LEU B 119 -26.43 16.71 12.73
N THR B 120 -26.40 17.64 11.76
CA THR B 120 -27.06 18.94 11.87
C THR B 120 -28.06 19.11 10.72
N VAL B 121 -29.16 19.83 10.98
CA VAL B 121 -30.23 20.08 10.01
C VAL B 121 -30.25 21.56 9.60
N VAL B 122 -30.41 21.81 8.29
CA VAL B 122 -30.37 23.14 7.68
C VAL B 122 -31.60 23.42 6.82
N LEU B 123 -32.23 24.58 7.01
CA LEU B 123 -33.35 25.06 6.20
C LEU B 123 -32.82 26.17 5.32
N LEU B 124 -33.02 26.08 3.99
CA LEU B 124 -32.50 27.05 3.02
C LEU B 124 -33.54 27.59 2.05
N ARG B 125 -33.27 28.80 1.52
CA ARG B 125 -34.00 29.47 0.45
C ARG B 125 -32.94 29.61 -0.64
N GLY B 126 -32.93 28.65 -1.56
CA GLY B 126 -31.93 28.55 -2.61
C GLY B 126 -30.69 27.95 -1.99
N GLU B 127 -29.59 28.70 -1.99
CA GLU B 127 -28.35 28.24 -1.36
C GLU B 127 -28.04 29.01 -0.07
N LYS B 128 -28.93 29.94 0.32
CA LYS B 128 -28.84 30.76 1.52
C LYS B 128 -29.46 30.05 2.72
N GLU B 129 -28.68 29.89 3.79
CA GLU B 129 -29.13 29.24 5.03
C GLU B 129 -30.07 30.15 5.81
N LEU B 130 -31.22 29.61 6.20
CA LEU B 130 -32.24 30.31 6.98
C LEU B 130 -32.13 29.92 8.45
N LYS B 131 -32.03 28.61 8.72
CA LYS B 131 -31.92 28.04 10.08
C LYS B 131 -31.04 26.78 10.07
N ARG B 132 -29.97 26.78 10.89
CA ARG B 132 -29.07 25.64 11.04
C ARG B 132 -29.02 25.28 12.53
N GLU B 133 -29.49 24.06 12.86
CA GLU B 133 -29.54 23.54 14.23
C GLU B 133 -29.09 22.07 14.25
N PRO B 134 -28.46 21.57 15.35
CA PRO B 134 -28.13 20.13 15.41
C PRO B 134 -29.41 19.30 15.53
N ALA B 135 -29.45 18.11 14.90
CA ALA B 135 -30.62 17.24 14.91
C ALA B 135 -30.86 16.62 16.29
N VAL B 136 -31.95 17.06 16.96
CA VAL B 136 -32.34 16.60 18.29
C VAL B 136 -33.75 15.97 18.26
N GLY B 137 -33.88 14.77 18.85
CA GLY B 137 -35.13 14.04 18.95
C GLY B 137 -35.52 13.23 17.74
N GLU B 138 -36.49 12.31 17.91
CA GLU B 138 -36.98 11.46 16.82
C GLU B 138 -38.49 11.66 16.56
N PRO B 139 -38.87 12.27 15.41
CA PRO B 139 -38.02 12.83 14.35
C PRO B 139 -37.53 14.24 14.71
N ALA B 140 -36.33 14.61 14.24
CA ALA B 140 -35.77 15.94 14.49
C ALA B 140 -36.55 16.97 13.69
N GLU B 141 -37.15 17.95 14.39
CA GLU B 141 -37.96 18.98 13.75
C GLU B 141 -37.29 20.34 13.81
N VAL B 142 -37.08 20.94 12.62
CA VAL B 142 -36.49 22.27 12.45
C VAL B 142 -37.54 23.19 11.83
N THR B 143 -37.72 24.37 12.44
CA THR B 143 -38.72 25.32 11.99
C THR B 143 -38.15 26.72 11.82
N THR B 144 -38.70 27.46 10.88
CA THR B 144 -38.37 28.86 10.60
C THR B 144 -39.60 29.58 10.05
N THR B 145 -39.67 30.89 10.28
CA THR B 145 -40.77 31.73 9.82
C THR B 145 -40.27 32.68 8.75
N VAL B 146 -40.91 32.63 7.58
CA VAL B 146 -40.57 33.46 6.43
C VAL B 146 -41.76 34.36 6.12
N LEU B 147 -41.52 35.68 6.07
CA LEU B 147 -42.56 36.65 5.74
C LEU B 147 -42.60 36.76 4.22
N VAL B 148 -43.68 36.21 3.62
CA VAL B 148 -43.91 36.15 2.18
C VAL B 148 -43.86 37.53 1.54
N ARG B 149 -42.94 37.69 0.59
CA ARG B 149 -42.70 38.91 -0.18
C ARG B 149 -42.75 38.59 -1.68
N ARG B 150 -43.00 39.62 -2.51
CA ARG B 150 -43.08 39.54 -3.98
C ARG B 150 -41.80 38.94 -4.57
N ASP B 151 -40.63 39.28 -3.97
CA ASP B 151 -39.29 38.86 -4.37
C ASP B 151 -39.09 37.34 -4.33
N HIS B 152 -39.81 36.65 -3.43
CA HIS B 152 -39.70 35.22 -3.23
C HIS B 152 -40.51 34.38 -4.22
N HIS B 153 -41.20 35.03 -5.19
CA HIS B 153 -41.97 34.30 -6.19
C HIS B 153 -41.01 33.51 -7.08
N GLY B 154 -41.13 32.18 -7.03
CA GLY B 154 -40.30 31.26 -7.80
C GLY B 154 -39.20 30.61 -6.98
N ALA B 155 -38.84 31.22 -5.83
CA ALA B 155 -37.79 30.76 -4.91
C ALA B 155 -38.03 29.35 -4.43
N ASN B 156 -36.94 28.57 -4.31
CA ASN B 156 -37.00 27.19 -3.85
C ASN B 156 -36.50 27.06 -2.42
N PHE B 157 -37.33 26.44 -1.58
CA PHE B 157 -37.01 26.19 -0.19
C PHE B 157 -36.70 24.72 -0.04
N SER B 158 -35.67 24.41 0.74
CA SER B 158 -35.25 23.02 0.94
C SER B 158 -34.76 22.75 2.35
N CYS B 159 -34.70 21.46 2.70
CA CYS B 159 -34.19 20.98 3.97
C CYS B 159 -33.00 20.08 3.68
N ARG B 160 -31.89 20.32 4.38
CA ARG B 160 -30.66 19.56 4.19
C ARG B 160 -30.08 19.06 5.50
N THR B 161 -29.51 17.85 5.48
CA THR B 161 -28.85 17.26 6.65
C THR B 161 -27.37 17.12 6.37
N GLU B 162 -26.54 17.26 7.40
CA GLU B 162 -25.10 17.14 7.28
C GLU B 162 -24.55 16.23 8.36
N LEU B 163 -24.15 15.01 7.96
CA LEU B 163 -23.53 14.07 8.87
C LEU B 163 -22.02 14.27 8.63
N ASP B 164 -21.44 15.22 9.38
CA ASP B 164 -20.03 15.56 9.26
C ASP B 164 -19.16 14.58 10.03
N LEU B 165 -18.49 13.66 9.31
CA LEU B 165 -17.62 12.66 9.92
C LEU B 165 -16.14 12.92 9.59
N ARG B 166 -15.85 14.15 9.13
CA ARG B 166 -14.50 14.64 8.80
C ARG B 166 -13.57 14.68 10.03
N PRO B 167 -14.03 15.04 11.28
CA PRO B 167 -13.10 15.03 12.42
C PRO B 167 -12.42 13.67 12.65
N GLN B 168 -13.12 12.56 12.33
CA GLN B 168 -12.58 11.21 12.43
C GLN B 168 -12.06 10.67 11.08
N GLY B 169 -11.76 11.60 10.16
CA GLY B 169 -11.19 11.31 8.85
C GLY B 169 -12.09 10.76 7.77
N LEU B 170 -13.41 10.91 7.90
CA LEU B 170 -14.34 10.43 6.90
C LEU B 170 -14.95 11.58 6.08
N GLU B 171 -16.01 11.31 5.31
CA GLU B 171 -16.65 12.32 4.48
C GLU B 171 -17.78 13.03 5.23
N LEU B 172 -18.23 14.18 4.69
CA LEU B 172 -19.37 14.93 5.17
C LEU B 172 -20.52 14.41 4.29
N PHE B 173 -21.46 13.65 4.90
CA PHE B 173 -22.57 13.06 4.16
C PHE B 173 -23.80 13.97 4.12
N GLU B 174 -24.07 14.53 2.93
CA GLU B 174 -25.17 15.45 2.68
C GLU B 174 -26.41 14.77 2.13
N ASN B 175 -27.58 15.30 2.49
CA ASN B 175 -28.88 14.80 2.04
C ASN B 175 -29.85 15.96 1.93
N THR B 176 -30.56 16.04 0.79
CA THR B 176 -31.52 17.11 0.52
C THR B 176 -32.93 16.54 0.38
N SER B 177 -33.92 17.33 0.83
CA SER B 177 -35.33 16.96 0.74
C SER B 177 -35.87 17.35 -0.63
N ALA B 178 -37.15 17.08 -0.88
CA ALA B 178 -37.82 17.51 -2.11
C ALA B 178 -38.02 19.02 -1.96
N PRO B 179 -37.64 19.83 -2.97
CA PRO B 179 -37.80 21.29 -2.82
C PRO B 179 -39.25 21.76 -2.82
N TYR B 180 -39.49 22.95 -2.22
CA TYR B 180 -40.79 23.61 -2.17
C TYR B 180 -40.67 24.94 -2.89
N GLN B 181 -41.32 25.08 -4.03
CA GLN B 181 -41.30 26.30 -4.81
C GLN B 181 -42.45 27.19 -4.36
N LEU B 182 -42.12 28.36 -3.82
CA LEU B 182 -43.09 29.33 -3.36
C LEU B 182 -43.62 30.11 -4.55
N GLN B 183 -44.92 30.37 -4.55
CA GLN B 183 -45.63 31.11 -5.59
C GLN B 183 -46.44 32.18 -4.86
N THR B 184 -46.14 33.47 -5.10
CA THR B 184 -46.78 34.58 -4.40
C THR B 184 -47.93 35.24 -5.18
N PHE B 185 -48.87 35.85 -4.43
CA PHE B 185 -50.02 36.57 -4.99
C PHE B 185 -50.48 37.71 -4.06
N GLY B 186 -50.94 38.80 -4.66
CA GLY B 186 -51.41 39.98 -3.94
C GLY B 186 -50.38 41.08 -3.91
#